data_5A7I
#
_entry.id   5A7I
#
_cell.length_a   96.975
_cell.length_b   96.975
_cell.length_c   152.142
_cell.angle_alpha   90.00
_cell.angle_beta   90.00
_cell.angle_gamma   90.00
#
_symmetry.space_group_name_H-M   'P 41 21 2'
#
loop_
_entity.id
_entity.type
_entity.pdbx_description
1 polymer 'TYPE II INOSITOL 1,4,5-TRISPHOSPHATE 5-PHOSPHATASE'
2 non-polymer GLYCEROL
3 non-polymer "Biphenyl 3,3',4,4',5,5'-hexakisphosphate"
4 non-polymer 'PHOSPHATE ION'
5 non-polymer 'MAGNESIUM ION'
6 non-polymer 'CHLORIDE ION'
7 water water
#
_entity_poly.entity_id   1
_entity_poly.type   'polypeptide(L)'
_entity_poly.pdbx_seq_one_letter_code
;MYTYIQNFRFFAGTYNVNGQSPKECLRLWLSNGIQAPDVYCVGFQELDLSKEAFFFHDTPKEEEWFKAVSEGLHPDAKYA
KVKLIRLVGIMLLLYVKQEHAAYISEVEAETVGTGIMGRMGNKGGVAIRFQFHNTSICVVNSHLAAHIEEYERRNQDYKD
ICSRMQFCQPDPSLPPLTISNHDVILWLGDLNYRIEELDVEKVKKLIEEKDFQMLYAYDQLKIQVAAKTVFEGFTEGELT
FQPTYKYDTGSDDWDTSEKCRAPAWCDRILWKGKNITQLSYQSHMALKTSDHKPVSSVFDIGVRVVAHHHHHH
;
_entity_poly.pdbx_strand_id   A
#
# COMPACT_ATOMS: atom_id res chain seq x y z
N MET A 1 -14.52 16.69 29.15
CA MET A 1 -14.88 16.18 27.81
C MET A 1 -15.36 14.74 27.91
N TYR A 2 -15.66 14.09 26.78
CA TYR A 2 -16.04 12.67 26.81
C TYR A 2 -15.52 11.97 25.56
N THR A 3 -15.67 10.64 25.53
CA THR A 3 -15.07 9.85 24.47
C THR A 3 -16.01 8.77 23.92
N TYR A 4 -15.89 8.51 22.62
CA TYR A 4 -16.67 7.48 21.95
C TYR A 4 -15.99 7.01 20.67
N ILE A 5 -16.42 5.85 20.17
CA ILE A 5 -15.89 5.28 18.92
C ILE A 5 -16.72 5.81 17.76
N GLN A 6 -16.06 6.29 16.71
CA GLN A 6 -16.76 6.73 15.49
C GLN A 6 -16.05 6.18 14.26
N ASN A 7 -16.85 5.65 13.32
CA ASN A 7 -16.31 5.09 12.08
C ASN A 7 -16.01 6.17 11.06
N PHE A 8 -14.78 6.17 10.56
CA PHE A 8 -14.40 7.02 9.44
C PHE A 8 -13.98 6.11 8.29
N ARG A 9 -14.10 6.61 7.07
CA ARG A 9 -13.89 5.78 5.88
C ARG A 9 -12.48 5.95 5.30
N PHE A 10 -11.69 4.88 5.35
CA PHE A 10 -10.31 4.87 4.87
C PHE A 10 -10.18 4.17 3.52
N PHE A 11 -9.58 4.87 2.56
CA PHE A 11 -9.22 4.26 1.27
C PHE A 11 -7.73 3.94 1.29
N ALA A 12 -7.38 2.75 0.84
CA ALA A 12 -5.98 2.35 0.69
C ALA A 12 -5.74 1.87 -0.74
N GLY A 13 -4.71 2.40 -1.39
CA GLY A 13 -4.35 1.99 -2.75
C GLY A 13 -2.86 1.76 -2.95
N THR A 14 -2.53 0.84 -3.83
CA THR A 14 -1.14 0.54 -4.20
C THR A 14 -1.03 0.40 -5.71
N TYR A 15 0.03 0.96 -6.28
CA TYR A 15 0.22 0.92 -7.72
C TYR A 15 1.72 0.94 -8.06
N ASN A 16 2.18 -0.12 -8.73
CA ASN A 16 3.52 -0.19 -9.29
C ASN A 16 3.45 0.35 -10.72
N VAL A 17 4.05 1.51 -10.96
CA VAL A 17 3.87 2.23 -12.23
C VAL A 17 4.97 2.00 -13.26
N ASN A 18 5.91 1.10 -12.96
CA ASN A 18 6.92 0.67 -13.92
C ASN A 18 7.77 1.79 -14.53
N GLY A 19 8.14 2.76 -13.69
CA GLY A 19 8.99 3.88 -14.11
C GLY A 19 8.35 4.90 -15.03
N GLN A 20 7.03 4.82 -15.22
CA GLN A 20 6.33 5.61 -16.22
C GLN A 20 5.66 6.83 -15.62
N SER A 21 5.57 7.90 -16.42
CA SER A 21 4.77 9.08 -16.08
C SER A 21 3.30 8.74 -16.25
N PRO A 22 2.41 9.34 -15.44
CA PRO A 22 0.99 9.02 -15.56
C PRO A 22 0.42 9.50 -16.89
N LYS A 23 -0.32 8.63 -17.57
CA LYS A 23 -0.92 8.98 -18.85
C LYS A 23 -2.43 8.85 -18.84
N GLU A 24 -2.99 8.49 -17.69
CA GLU A 24 -4.42 8.20 -17.57
C GLU A 24 -4.98 8.85 -16.32
N CYS A 25 -6.21 9.36 -16.43
CA CYS A 25 -6.94 9.88 -15.27
C CYS A 25 -7.15 8.76 -14.26
N LEU A 26 -6.87 9.04 -12.99
CA LEU A 26 -6.90 8.01 -11.96
C LEU A 26 -8.21 7.98 -11.16
N ARG A 27 -9.27 8.59 -11.66
CA ARG A 27 -10.56 8.52 -10.95
C ARG A 27 -11.12 7.08 -10.94
N LEU A 28 -10.84 6.32 -11.99
CA LEU A 28 -11.19 4.88 -12.04
C LEU A 28 -10.58 4.06 -10.90
N TRP A 29 -9.46 4.53 -10.37
CA TRP A 29 -8.77 3.88 -9.26
C TRP A 29 -9.26 4.42 -7.92
N LEU A 30 -9.23 5.76 -7.80
CA LEU A 30 -9.39 6.44 -6.52
C LEU A 30 -10.83 6.81 -6.16
N SER A 31 -11.72 6.92 -7.15
CA SER A 31 -13.09 7.37 -6.92
C SER A 31 -14.08 6.73 -7.91
N ASN A 32 -14.00 5.40 -7.99
CA ASN A 32 -14.79 4.59 -8.92
C ASN A 32 -16.19 4.32 -8.38
N GLY A 33 -17.04 5.36 -8.39
CA GLY A 33 -18.42 5.22 -7.95
C GLY A 33 -18.65 5.11 -6.44
N ILE A 34 -17.57 4.92 -5.67
CA ILE A 34 -17.68 4.83 -4.20
C ILE A 34 -17.93 6.21 -3.57
N GLN A 35 -18.38 6.19 -2.32
CA GLN A 35 -18.61 7.41 -1.55
C GLN A 35 -17.27 8.07 -1.17
N ALA A 36 -17.32 9.38 -0.92
CA ALA A 36 -16.13 10.17 -0.59
C ALA A 36 -15.46 9.70 0.71
N PRO A 37 -14.22 9.17 0.62
CA PRO A 37 -13.51 8.70 1.82
C PRO A 37 -13.06 9.83 2.74
N ASP A 38 -12.93 9.53 4.01
CA ASP A 38 -12.43 10.49 4.99
C ASP A 38 -10.92 10.59 4.92
N VAL A 39 -10.27 9.48 4.61
CA VAL A 39 -8.81 9.43 4.53
C VAL A 39 -8.35 8.66 3.30
N TYR A 40 -7.38 9.23 2.58
CA TYR A 40 -6.76 8.58 1.44
C TYR A 40 -5.32 8.22 1.78
N CYS A 41 -4.98 6.95 1.62
CA CYS A 41 -3.62 6.45 1.79
C CYS A 41 -3.23 5.82 0.47
N VAL A 42 -2.44 6.55 -0.32
CA VAL A 42 -2.12 6.11 -1.69
C VAL A 42 -0.62 5.85 -1.84
N GLY A 43 -0.28 4.64 -2.27
CA GLY A 43 1.12 4.21 -2.32
C GLY A 43 1.57 3.84 -3.72
N PHE A 44 2.84 4.13 -4.03
CA PHE A 44 3.42 3.78 -5.33
C PHE A 44 4.67 2.94 -5.21
N GLN A 45 5.03 2.29 -6.31
CA GLN A 45 6.31 1.59 -6.47
C GLN A 45 6.86 1.90 -7.85
N GLU A 46 8.18 1.84 -8.01
CA GLU A 46 8.84 2.07 -9.30
C GLU A 46 8.43 3.42 -9.92
N LEU A 47 8.36 4.46 -9.10
CA LEU A 47 8.01 5.79 -9.59
C LEU A 47 9.00 6.27 -10.64
N ASP A 48 10.29 5.98 -10.42
CA ASP A 48 11.35 6.42 -11.32
C ASP A 48 12.49 5.41 -11.33
N LEU A 49 12.68 4.77 -12.48
CA LEU A 49 13.70 3.72 -12.61
C LEU A 49 15.08 4.22 -13.06
N SER A 50 15.25 5.52 -13.21
CA SER A 50 16.53 6.08 -13.63
C SER A 50 17.66 5.85 -12.62
N LYS A 51 18.89 5.83 -13.14
CA LYS A 51 20.10 5.78 -12.32
C LYS A 51 20.06 6.94 -11.33
N GLU A 52 19.67 8.11 -11.83
CA GLU A 52 19.62 9.33 -11.03
C GLU A 52 18.74 9.19 -9.79
N ALA A 53 17.50 8.77 -9.96
CA ALA A 53 16.60 8.55 -8.83
C ALA A 53 17.15 7.49 -7.87
N PHE A 54 17.79 6.47 -8.42
CA PHE A 54 18.40 5.41 -7.62
C PHE A 54 19.49 5.95 -6.72
N PHE A 55 20.24 6.96 -7.18
CA PHE A 55 21.24 7.62 -6.34
C PHE A 55 20.71 8.91 -5.69
N PHE A 56 19.45 8.85 -5.25
CA PHE A 56 18.84 9.81 -4.33
C PHE A 56 18.47 11.16 -4.91
N HIS A 57 18.48 11.29 -6.24
CA HIS A 57 18.15 12.59 -6.84
C HIS A 57 16.65 12.86 -6.79
N ASP A 58 16.28 14.13 -6.87
CA ASP A 58 14.89 14.52 -7.01
C ASP A 58 14.37 14.06 -8.38
N THR A 59 13.08 13.75 -8.45
CA THR A 59 12.50 13.26 -9.69
C THR A 59 11.22 13.98 -10.00
N PRO A 60 11.03 14.37 -11.27
CA PRO A 60 9.76 15.02 -11.64
C PRO A 60 8.55 14.07 -11.56
N LYS A 61 8.81 12.75 -11.56
CA LYS A 61 7.76 11.75 -11.41
C LYS A 61 6.94 12.00 -10.16
N GLU A 62 7.60 12.48 -9.10
CA GLU A 62 6.95 12.81 -7.84
C GLU A 62 5.77 13.78 -8.04
N GLU A 63 6.06 14.98 -8.53
CA GLU A 63 5.01 15.98 -8.69
C GLU A 63 3.97 15.48 -9.71
N GLU A 64 4.43 14.75 -10.74
CA GLU A 64 3.52 14.27 -11.79
C GLU A 64 2.43 13.36 -11.23
N TRP A 65 2.83 12.37 -10.43
CA TRP A 65 1.89 11.41 -9.87
C TRP A 65 1.09 12.00 -8.70
N PHE A 66 1.68 12.94 -7.98
CA PHE A 66 0.97 13.63 -6.90
C PHE A 66 -0.24 14.36 -7.46
N LYS A 67 -0.02 15.20 -8.47
CA LYS A 67 -1.13 15.86 -9.16
C LYS A 67 -2.11 14.83 -9.72
N ALA A 68 -1.58 13.75 -10.31
CA ALA A 68 -2.43 12.73 -10.88
C ALA A 68 -3.40 12.22 -9.82
N VAL A 69 -2.85 11.93 -8.64
CA VAL A 69 -3.66 11.44 -7.51
C VAL A 69 -4.59 12.53 -6.99
N SER A 70 -4.07 13.74 -6.78
CA SER A 70 -4.88 14.85 -6.27
C SER A 70 -6.13 14.99 -7.12
N GLU A 71 -5.93 15.11 -8.43
CA GLU A 71 -7.02 15.24 -9.39
C GLU A 71 -7.96 14.02 -9.39
N GLY A 72 -7.43 12.85 -9.02
CA GLY A 72 -8.20 11.61 -9.01
C GLY A 72 -9.09 11.37 -7.79
N LEU A 73 -8.89 12.13 -6.72
CA LEU A 73 -9.66 11.93 -5.50
C LEU A 73 -11.10 12.38 -5.68
N HIS A 74 -12.00 11.81 -4.87
CA HIS A 74 -13.46 12.02 -5.02
C HIS A 74 -13.80 13.51 -5.12
N PRO A 75 -14.53 13.91 -6.17
CA PRO A 75 -14.81 15.34 -6.38
C PRO A 75 -15.85 15.97 -5.45
N ASP A 76 -16.50 15.19 -4.61
CA ASP A 76 -17.53 15.73 -3.71
C ASP A 76 -16.96 16.35 -2.42
N ALA A 77 -15.67 16.17 -2.16
CA ALA A 77 -15.04 16.76 -0.95
C ALA A 77 -13.70 17.43 -1.26
N LYS A 78 -13.34 18.41 -0.42
CA LYS A 78 -12.06 19.12 -0.51
C LYS A 78 -11.05 18.37 0.36
N TYR A 79 -9.94 17.90 -0.25
CA TYR A 79 -8.93 17.13 0.48
C TYR A 79 -7.67 17.92 0.80
N ALA A 80 -7.22 17.83 2.05
CA ALA A 80 -5.97 18.46 2.48
C ALA A 80 -4.82 17.45 2.36
N LYS A 81 -3.72 17.89 1.76
CA LYS A 81 -2.50 17.08 1.73
C LYS A 81 -1.86 17.09 3.13
N VAL A 82 -1.83 15.93 3.78
CA VAL A 82 -1.18 15.79 5.09
C VAL A 82 0.32 15.50 4.96
N LYS A 83 0.69 14.50 4.15
CA LYS A 83 2.09 14.10 4.04
C LYS A 83 2.44 13.30 2.79
N LEU A 84 3.63 13.59 2.25
CA LEU A 84 4.23 12.80 1.19
C LEU A 84 5.61 12.35 1.67
N ILE A 85 5.93 11.09 1.40
CA ILE A 85 7.25 10.54 1.67
C ILE A 85 7.66 9.63 0.52
N ARG A 86 8.92 9.75 0.09
CA ARG A 86 9.44 8.95 -1.01
C ARG A 86 10.88 8.51 -0.79
N LEU A 87 11.15 7.22 -1.01
CA LEU A 87 12.51 6.72 -1.16
C LEU A 87 12.59 6.17 -2.57
N VAL A 88 13.51 6.71 -3.37
CA VAL A 88 13.63 6.36 -4.80
C VAL A 88 12.25 6.35 -5.48
N GLY A 89 11.69 5.18 -5.72
CA GLY A 89 10.43 5.07 -6.43
C GLY A 89 9.28 4.60 -5.55
N ILE A 90 9.53 4.50 -4.24
CA ILE A 90 8.50 4.13 -3.26
C ILE A 90 7.95 5.42 -2.66
N MET A 91 6.68 5.73 -2.93
CA MET A 91 6.09 6.98 -2.47
C MET A 91 4.75 6.70 -1.79
N LEU A 92 4.54 7.32 -0.64
CA LEU A 92 3.25 7.21 0.06
C LEU A 92 2.69 8.61 0.23
N LEU A 93 1.39 8.74 -0.05
CA LEU A 93 0.67 10.00 0.06
C LEU A 93 -0.47 9.83 1.04
N LEU A 94 -0.59 10.75 1.99
CA LEU A 94 -1.70 10.76 2.95
C LEU A 94 -2.53 12.04 2.77
N TYR A 95 -3.79 11.90 2.36
CA TYR A 95 -4.75 13.01 2.35
C TYR A 95 -5.86 12.75 3.36
N VAL A 96 -6.50 13.81 3.82
CA VAL A 96 -7.74 13.71 4.60
C VAL A 96 -8.73 14.80 4.20
N LYS A 97 -10.02 14.55 4.41
CA LYS A 97 -11.04 15.57 4.18
C LYS A 97 -10.71 16.82 5.00
N GLN A 98 -10.86 17.99 4.39
CA GLN A 98 -10.56 19.25 5.07
C GLN A 98 -11.24 19.38 6.44
N GLU A 99 -12.42 18.80 6.61
CA GLU A 99 -13.12 18.77 7.92
C GLU A 99 -12.20 18.27 9.03
N HIS A 100 -11.47 17.18 8.75
CA HIS A 100 -10.71 16.46 9.77
C HIS A 100 -9.33 17.05 10.04
N ALA A 101 -8.90 17.99 9.21
CA ALA A 101 -7.53 18.54 9.28
C ALA A 101 -7.07 18.89 10.70
N ALA A 102 -7.96 19.47 11.50
CA ALA A 102 -7.62 19.88 12.86
C ALA A 102 -7.32 18.73 13.82
N TYR A 103 -7.80 17.53 13.51
CA TYR A 103 -7.67 16.38 14.42
C TYR A 103 -6.55 15.38 14.02
N ILE A 104 -5.73 15.79 13.05
CA ILE A 104 -4.56 15.01 12.65
C ILE A 104 -3.36 15.64 13.34
N SER A 105 -2.60 14.82 14.05
CA SER A 105 -1.39 15.29 14.74
C SER A 105 -0.29 14.25 14.75
N GLU A 106 0.91 14.68 15.12
CA GLU A 106 2.07 13.81 15.28
C GLU A 106 2.38 13.04 14.00
N VAL A 107 2.40 13.75 12.88
CA VAL A 107 2.70 13.13 11.60
C VAL A 107 4.21 12.94 11.47
N GLU A 108 4.64 11.69 11.29
CA GLU A 108 6.04 11.35 11.08
C GLU A 108 6.15 10.39 9.91
N ALA A 109 7.16 10.58 9.06
CA ALA A 109 7.44 9.65 7.97
C ALA A 109 8.91 9.23 7.99
N GLU A 110 9.15 8.00 7.55
CA GLU A 110 10.50 7.43 7.52
C GLU A 110 10.58 6.45 6.39
N THR A 111 11.80 6.09 6.02
CA THR A 111 12.03 5.19 4.90
C THR A 111 13.09 4.15 5.26
N VAL A 112 13.07 3.00 4.60
CA VAL A 112 14.08 1.97 4.82
C VAL A 112 14.40 1.26 3.52
N GLY A 113 15.64 1.37 3.07
CA GLY A 113 16.08 0.66 1.87
C GLY A 113 16.48 -0.78 2.19
N THR A 114 16.06 -1.72 1.34
CA THR A 114 16.43 -3.12 1.50
C THR A 114 16.81 -3.74 0.17
N GLY A 115 17.28 -2.91 -0.76
CA GLY A 115 17.59 -3.33 -2.13
C GLY A 115 19.07 -3.69 -2.28
N ILE A 116 19.75 -3.07 -3.23
CA ILE A 116 21.16 -3.38 -3.49
C ILE A 116 21.99 -3.26 -2.23
N MET A 117 22.88 -4.23 -2.01
CA MET A 117 23.68 -4.34 -0.79
C MET A 117 22.84 -4.27 0.47
N GLY A 118 21.58 -4.65 0.34
CA GLY A 118 20.66 -4.73 1.44
C GLY A 118 20.33 -3.41 2.08
N ARG A 119 20.64 -2.30 1.42
CA ARG A 119 20.40 -0.98 2.00
CA ARG A 119 20.48 -0.97 1.98
C ARG A 119 20.00 0.09 0.98
N MET A 120 20.21 -0.15 -0.32
CA MET A 120 19.76 0.82 -1.35
C MET A 120 18.26 0.78 -1.54
N GLY A 121 17.73 1.71 -2.33
CA GLY A 121 16.29 1.96 -2.38
C GLY A 121 15.51 1.43 -3.58
N ASN A 122 16.11 0.57 -4.39
CA ASN A 122 15.35 -0.05 -5.47
C ASN A 122 14.23 -0.94 -4.92
N LYS A 123 14.36 -1.28 -3.64
CA LYS A 123 13.38 -2.05 -2.88
C LYS A 123 13.48 -1.59 -1.44
N GLY A 124 12.39 -1.72 -0.70
CA GLY A 124 12.35 -1.25 0.69
C GLY A 124 10.95 -0.90 1.14
N GLY A 125 10.86 0.12 1.98
CA GLY A 125 9.58 0.54 2.52
C GLY A 125 9.62 1.97 3.02
N VAL A 126 8.46 2.61 3.00
CA VAL A 126 8.30 3.94 3.55
C VAL A 126 7.02 3.91 4.35
N ALA A 127 6.90 4.80 5.32
CA ALA A 127 5.75 4.79 6.23
C ALA A 127 5.39 6.18 6.70
N ILE A 128 4.10 6.40 6.92
CA ILE A 128 3.60 7.61 7.55
C ILE A 128 2.76 7.18 8.72
N ARG A 129 3.09 7.67 9.90
CA ARG A 129 2.28 7.42 11.08
C ARG A 129 1.73 8.73 11.53
N PHE A 130 0.59 8.68 12.21
CA PHE A 130 -0.08 9.87 12.67
C PHE A 130 -1.17 9.52 13.69
N GLN A 131 -1.64 10.54 14.39
CA GLN A 131 -2.73 10.39 15.34
C GLN A 131 -3.96 11.10 14.80
N PHE A 132 -5.01 10.34 14.54
CA PHE A 132 -6.30 10.88 14.13
C PHE A 132 -7.21 10.78 15.32
N HIS A 133 -7.72 11.92 15.78
CA HIS A 133 -8.41 12.01 17.07
C HIS A 133 -7.52 11.34 18.13
N ASN A 134 -8.04 10.37 18.88
CA ASN A 134 -7.20 9.58 19.80
C ASN A 134 -6.95 8.15 19.32
N THR A 135 -6.64 8.01 18.03
CA THR A 135 -6.22 6.72 17.49
C THR A 135 -4.88 6.86 16.76
N SER A 136 -3.93 6.00 17.11
CA SER A 136 -2.63 5.98 16.45
C SER A 136 -2.71 5.08 15.22
N ILE A 137 -2.26 5.61 14.08
CA ILE A 137 -2.31 4.91 12.80
C ILE A 137 -0.94 4.94 12.12
N CYS A 138 -0.51 3.81 11.56
CA CYS A 138 0.71 3.75 10.77
C CYS A 138 0.39 3.09 9.45
N VAL A 139 0.72 3.78 8.36
CA VAL A 139 0.51 3.25 7.02
C VAL A 139 1.89 2.95 6.46
N VAL A 140 2.08 1.73 5.96
CA VAL A 140 3.37 1.28 5.43
C VAL A 140 3.24 0.92 3.94
N ASN A 141 4.14 1.42 3.11
CA ASN A 141 4.18 1.06 1.69
C ASN A 141 5.51 0.42 1.38
N SER A 142 5.50 -0.86 0.98
CA SER A 142 6.73 -1.59 0.72
C SER A 142 6.78 -2.23 -0.67
N HIS A 143 7.98 -2.25 -1.23
CA HIS A 143 8.25 -2.96 -2.48
C HIS A 143 9.33 -3.98 -2.18
N LEU A 144 8.92 -5.23 -2.00
CA LEU A 144 9.85 -6.30 -1.62
C LEU A 144 10.50 -6.94 -2.84
N ALA A 145 11.51 -7.76 -2.60
CA ALA A 145 12.37 -8.26 -3.68
C ALA A 145 11.58 -9.04 -4.73
N ALA A 146 12.04 -8.94 -5.98
CA ALA A 146 11.37 -9.58 -7.11
C ALA A 146 11.74 -11.07 -7.30
N HIS A 147 10.90 -11.76 -8.06
CA HIS A 147 11.14 -13.11 -8.63
C HIS A 147 10.69 -14.26 -7.71
N ILE A 148 10.31 -15.37 -8.35
CA ILE A 148 9.64 -16.49 -7.68
C ILE A 148 10.46 -17.07 -6.54
N GLU A 149 11.73 -17.34 -6.83
CA GLU A 149 12.62 -18.06 -5.92
C GLU A 149 13.09 -17.23 -4.70
N GLU A 150 12.89 -15.91 -4.73
CA GLU A 150 13.42 -15.05 -3.67
C GLU A 150 12.44 -14.78 -2.53
N TYR A 151 11.58 -15.75 -2.22
CA TYR A 151 10.59 -15.57 -1.16
C TYR A 151 11.26 -15.36 0.21
N GLU A 152 12.41 -15.98 0.43
CA GLU A 152 13.13 -15.80 1.69
C GLU A 152 13.79 -14.40 1.80
N ARG A 153 14.05 -13.76 0.68
CA ARG A 153 14.61 -12.41 0.71
C ARG A 153 13.46 -11.45 0.99
N ARG A 154 12.28 -11.78 0.49
CA ARG A 154 11.10 -10.99 0.78
C ARG A 154 10.79 -11.07 2.26
N ASN A 155 11.00 -12.24 2.85
CA ASN A 155 10.83 -12.39 4.28
C ASN A 155 11.78 -11.48 5.05
N GLN A 156 13.06 -11.51 4.67
CA GLN A 156 14.07 -10.71 5.35
C GLN A 156 13.81 -9.23 5.12
N ASP A 157 13.39 -8.86 3.90
CA ASP A 157 13.08 -7.47 3.61
C ASP A 157 11.99 -6.98 4.58
N TYR A 158 10.92 -7.74 4.71
CA TYR A 158 9.88 -7.43 5.70
C TYR A 158 10.44 -7.28 7.12
N LYS A 159 11.36 -8.16 7.50
CA LYS A 159 11.98 -8.07 8.83
C LYS A 159 12.74 -6.75 9.02
N ASP A 160 13.52 -6.37 8.02
CA ASP A 160 14.38 -5.19 8.14
C ASP A 160 13.56 -3.92 8.19
N ILE A 161 12.50 -3.87 7.39
CA ILE A 161 11.58 -2.75 7.45
C ILE A 161 11.10 -2.67 8.89
N CYS A 162 10.59 -3.80 9.39
CA CYS A 162 10.02 -3.85 10.74
C CYS A 162 10.97 -3.49 11.87
N SER A 163 12.26 -3.69 11.71
CA SER A 163 13.18 -3.43 12.80
C SER A 163 13.91 -2.10 12.66
N ARG A 164 13.99 -1.59 11.43
CA ARG A 164 14.74 -0.35 11.20
C ARG A 164 13.84 0.87 11.17
N MET A 165 12.59 0.70 10.74
CA MET A 165 11.63 1.80 10.72
C MET A 165 11.38 2.30 12.14
N GLN A 166 11.90 3.47 12.45
CA GLN A 166 11.77 4.07 13.78
C GLN A 166 11.31 5.52 13.66
N PHE A 167 10.17 5.84 14.28
CA PHE A 167 9.60 7.18 14.23
C PHE A 167 10.00 8.00 15.43
N CYS A 168 9.92 9.33 15.29
CA CYS A 168 10.30 10.24 16.37
C CYS A 168 9.37 10.17 17.57
N GLN A 169 9.92 10.52 18.73
CA GLN A 169 9.24 10.36 20.01
C GLN A 169 9.11 11.71 20.76
N PRO A 170 7.86 12.19 20.98
CA PRO A 170 7.62 13.43 21.75
C PRO A 170 8.22 13.41 23.16
N ASP A 171 8.21 12.23 23.78
CA ASP A 171 8.83 11.99 25.08
C ASP A 171 10.10 11.14 24.89
N PRO A 172 11.29 11.74 25.09
CA PRO A 172 12.53 11.03 24.75
C PRO A 172 12.91 9.87 25.69
N SER A 173 12.34 9.83 26.89
CA SER A 173 12.65 8.77 27.85
C SER A 173 12.00 7.41 27.54
N LEU A 174 11.00 7.41 26.64
CA LEU A 174 10.33 6.18 26.18
C LEU A 174 11.06 5.57 24.97
N PRO A 175 10.79 4.28 24.68
CA PRO A 175 11.38 3.65 23.49
C PRO A 175 10.80 4.24 22.20
N PRO A 176 11.65 4.45 21.17
CA PRO A 176 11.20 4.91 19.85
C PRO A 176 9.99 4.15 19.31
N LEU A 177 9.19 4.84 18.51
CA LEU A 177 8.01 4.24 17.90
C LEU A 177 8.45 3.30 16.81
N THR A 178 7.88 2.10 16.81
CA THR A 178 8.05 1.16 15.72
C THR A 178 6.69 1.03 15.07
N ILE A 179 6.64 0.39 13.90
CA ILE A 179 5.38 0.15 13.22
C ILE A 179 4.35 -0.56 14.12
N SER A 180 4.80 -1.58 14.84
CA SER A 180 3.92 -2.37 15.69
C SER A 180 3.19 -1.57 16.77
N ASN A 181 3.79 -0.47 17.22
CA ASN A 181 3.27 0.29 18.35
C ASN A 181 2.23 1.33 17.90
N HIS A 182 1.15 0.82 17.29
CA HIS A 182 0.04 1.64 16.79
C HIS A 182 -1.29 0.94 16.91
N ASP A 183 -2.34 1.70 17.16
CA ASP A 183 -3.68 1.14 17.27
C ASP A 183 -4.11 0.48 15.95
N VAL A 184 -3.64 1.04 14.84
CA VAL A 184 -4.02 0.59 13.49
C VAL A 184 -2.83 0.59 12.52
N ILE A 185 -2.51 -0.56 11.96
CA ILE A 185 -1.50 -0.67 10.90
C ILE A 185 -2.13 -1.12 9.60
N LEU A 186 -1.99 -0.31 8.55
CA LEU A 186 -2.30 -0.74 7.19
C LEU A 186 -0.98 -0.91 6.45
N TRP A 187 -0.75 -2.11 5.92
CA TRP A 187 0.48 -2.40 5.16
C TRP A 187 0.11 -2.72 3.73
N LEU A 188 0.61 -1.93 2.79
CA LEU A 188 0.31 -2.11 1.39
C LEU A 188 1.57 -2.07 0.55
N GLY A 189 1.47 -2.49 -0.70
CA GLY A 189 2.57 -2.37 -1.66
C GLY A 189 2.76 -3.57 -2.56
N ASP A 190 3.77 -3.49 -3.41
CA ASP A 190 4.15 -4.61 -4.25
C ASP A 190 4.99 -5.53 -3.39
N LEU A 191 4.30 -6.32 -2.56
CA LEU A 191 4.97 -7.25 -1.66
C LEU A 191 5.65 -8.36 -2.47
N ASN A 192 5.21 -8.57 -3.70
CA ASN A 192 6.01 -9.28 -4.72
C ASN A 192 6.12 -10.79 -4.51
N TYR A 193 5.20 -11.36 -3.74
CA TYR A 193 5.17 -12.81 -3.53
C TYR A 193 4.47 -13.50 -4.70
N ARG A 194 5.09 -14.54 -5.26
CA ARG A 194 4.64 -15.15 -6.52
C ARG A 194 3.90 -16.47 -6.30
N ILE A 195 3.53 -17.15 -7.39
CA ILE A 195 2.91 -18.47 -7.31
C ILE A 195 3.96 -19.57 -7.28
N GLU A 196 3.94 -20.41 -6.24
CA GLU A 196 4.95 -21.48 -6.07
C GLU A 196 4.60 -22.73 -6.87
N GLU A 197 5.63 -23.50 -7.23
CA GLU A 197 5.49 -24.83 -7.88
C GLU A 197 4.90 -24.82 -9.29
N LEU A 198 3.64 -24.40 -9.40
CA LEU A 198 2.91 -24.41 -10.68
C LEU A 198 3.68 -23.67 -11.77
N ASP A 199 3.60 -24.20 -12.99
CA ASP A 199 4.32 -23.62 -14.14
C ASP A 199 3.47 -22.55 -14.84
N VAL A 200 4.09 -21.82 -15.76
CA VAL A 200 3.51 -20.61 -16.33
C VAL A 200 2.14 -20.87 -17.01
N GLU A 201 2.08 -21.83 -17.94
CA GLU A 201 0.83 -22.09 -18.68
C GLU A 201 -0.29 -22.63 -17.79
N LYS A 202 0.08 -23.31 -16.70
CA LYS A 202 -0.89 -23.79 -15.72
C LYS A 202 -1.59 -22.60 -15.08
N VAL A 203 -0.80 -21.65 -14.60
CA VAL A 203 -1.31 -20.47 -13.91
C VAL A 203 -2.33 -19.74 -14.77
N LYS A 204 -1.92 -19.34 -15.97
CA LYS A 204 -2.79 -18.59 -16.89
C LYS A 204 -4.10 -19.32 -17.14
N LYS A 205 -4.00 -20.61 -17.42
CA LYS A 205 -5.16 -21.47 -17.65
C LYS A 205 -6.05 -21.52 -16.41
N LEU A 206 -5.42 -21.61 -15.25
CA LEU A 206 -6.15 -21.66 -13.98
C LEU A 206 -6.82 -20.31 -13.69
N ILE A 207 -6.20 -19.23 -14.18
CA ILE A 207 -6.75 -17.88 -14.08
C ILE A 207 -7.89 -17.67 -15.07
N GLU A 208 -7.68 -18.14 -16.30
CA GLU A 208 -8.72 -18.10 -17.34
C GLU A 208 -10.02 -18.77 -16.87
N GLU A 209 -9.90 -19.85 -16.09
CA GLU A 209 -11.05 -20.56 -15.53
C GLU A 209 -11.61 -19.90 -14.26
N LYS A 210 -10.91 -18.90 -13.76
CA LYS A 210 -11.36 -18.10 -12.59
C LYS A 210 -11.43 -18.88 -11.27
N ASP A 211 -10.76 -20.03 -11.20
CA ASP A 211 -10.65 -20.77 -9.95
C ASP A 211 -9.55 -20.11 -9.10
N PHE A 212 -9.92 -19.04 -8.40
CA PHE A 212 -8.95 -18.30 -7.57
C PHE A 212 -8.75 -18.91 -6.18
N GLN A 213 -9.39 -20.05 -5.91
CA GLN A 213 -9.21 -20.78 -4.66
C GLN A 213 -7.95 -21.65 -4.79
N MET A 214 -7.91 -22.43 -5.88
CA MET A 214 -6.81 -23.36 -6.17
C MET A 214 -5.49 -22.63 -6.41
N LEU A 215 -5.55 -21.51 -7.15
CA LEU A 215 -4.35 -20.69 -7.39
C LEU A 215 -3.81 -20.10 -6.09
N TYR A 216 -4.72 -19.59 -5.28
CA TYR A 216 -4.38 -18.98 -3.99
C TYR A 216 -3.72 -19.96 -3.02
N ALA A 217 -4.08 -21.25 -3.10
CA ALA A 217 -3.44 -22.26 -2.26
C ALA A 217 -1.94 -22.37 -2.50
N TYR A 218 -1.47 -21.88 -3.67
CA TYR A 218 -0.06 -21.90 -4.02
C TYR A 218 0.56 -20.51 -4.05
N ASP A 219 -0.12 -19.54 -3.43
CA ASP A 219 0.41 -18.18 -3.31
C ASP A 219 1.43 -18.14 -2.18
N GLN A 220 2.60 -17.56 -2.46
CA GLN A 220 3.71 -17.54 -1.51
C GLN A 220 3.38 -16.77 -0.22
N LEU A 221 2.64 -15.67 -0.33
CA LEU A 221 2.30 -14.86 0.83
C LEU A 221 1.48 -15.68 1.82
N LYS A 222 0.44 -16.35 1.32
CA LYS A 222 -0.34 -17.25 2.16
C LYS A 222 0.60 -18.24 2.83
N ILE A 223 1.35 -18.98 2.02
CA ILE A 223 2.24 -20.01 2.54
C ILE A 223 3.14 -19.49 3.67
N GLN A 224 3.87 -18.41 3.40
CA GLN A 224 4.82 -17.90 4.39
C GLN A 224 4.11 -17.42 5.65
N VAL A 225 3.01 -16.67 5.48
CA VAL A 225 2.22 -16.23 6.62
C VAL A 225 1.76 -17.44 7.43
N ALA A 226 1.40 -18.52 6.74
CA ALA A 226 0.97 -19.76 7.40
C ALA A 226 2.10 -20.38 8.22
N ALA A 227 3.34 -20.28 7.72
CA ALA A 227 4.50 -20.74 8.47
C ALA A 227 4.96 -19.72 9.52
N LYS A 228 4.21 -18.63 9.65
CA LYS A 228 4.45 -17.58 10.65
C LYS A 228 5.83 -16.93 10.49
N THR A 229 6.35 -16.93 9.26
CA THR A 229 7.65 -16.35 8.95
C THR A 229 7.56 -14.86 8.61
N VAL A 230 6.37 -14.39 8.25
CA VAL A 230 6.14 -12.96 7.98
C VAL A 230 4.72 -12.51 8.37
N PHE A 231 4.57 -11.21 8.58
CA PHE A 231 3.25 -10.58 8.76
C PHE A 231 2.37 -11.21 9.85
N GLU A 232 2.94 -11.50 11.02
CA GLU A 232 2.17 -12.11 12.12
C GLU A 232 1.06 -11.19 12.62
N GLY A 233 -0.16 -11.74 12.65
CA GLY A 233 -1.33 -11.01 13.13
C GLY A 233 -2.03 -10.17 12.08
N PHE A 234 -1.45 -10.06 10.88
CA PHE A 234 -2.07 -9.30 9.81
C PHE A 234 -3.20 -10.11 9.18
N THR A 235 -4.14 -9.41 8.57
CA THR A 235 -5.24 -10.04 7.85
C THR A 235 -5.28 -9.50 6.42
N GLU A 236 -5.85 -10.29 5.53
CA GLU A 236 -6.12 -9.86 4.16
C GLU A 236 -7.49 -10.37 3.77
N GLY A 237 -8.21 -9.59 2.96
CA GLY A 237 -9.49 -10.02 2.44
C GLY A 237 -9.33 -11.07 1.35
N GLU A 238 -10.44 -11.72 1.01
CA GLU A 238 -10.48 -12.68 -0.09
C GLU A 238 -10.10 -12.00 -1.40
N LEU A 239 -9.28 -12.68 -2.21
CA LEU A 239 -8.88 -12.16 -3.53
C LEU A 239 -9.90 -12.55 -4.59
N THR A 240 -10.77 -11.61 -4.95
CA THR A 240 -11.81 -11.82 -5.96
C THR A 240 -11.41 -11.27 -7.33
N PHE A 241 -10.21 -10.72 -7.44
CA PHE A 241 -9.70 -10.18 -8.70
C PHE A 241 -8.52 -11.00 -9.20
N GLN A 242 -8.34 -11.04 -10.52
CA GLN A 242 -7.24 -11.82 -11.10
C GLN A 242 -5.89 -11.19 -10.79
N PRO A 243 -4.81 -11.98 -10.84
CA PRO A 243 -3.47 -11.49 -10.62
C PRO A 243 -3.21 -10.15 -11.29
N THR A 244 -2.42 -9.32 -10.62
CA THR A 244 -2.24 -7.93 -11.01
C THR A 244 -0.88 -7.71 -11.68
N TYR A 245 -0.23 -8.81 -12.07
CA TYR A 245 1.10 -8.80 -12.64
C TYR A 245 1.23 -10.10 -13.41
N LYS A 246 1.95 -10.17 -14.53
CA LYS A 246 2.61 -9.06 -15.22
C LYS A 246 1.95 -8.89 -16.59
N TYR A 247 1.64 -7.66 -16.96
CA TYR A 247 0.99 -7.36 -18.23
C TYR A 247 1.94 -6.70 -19.24
N ASP A 248 1.56 -6.74 -20.51
CA ASP A 248 2.21 -5.92 -21.52
C ASP A 248 1.69 -4.50 -21.41
N THR A 249 2.59 -3.53 -21.52
CA THR A 249 2.23 -2.12 -21.41
C THR A 249 1.15 -1.77 -22.43
N GLY A 250 0.12 -1.06 -21.96
CA GLY A 250 -0.95 -0.57 -22.83
C GLY A 250 -1.99 -1.62 -23.21
N SER A 251 -2.13 -2.66 -22.39
CA SER A 251 -3.07 -3.75 -22.68
C SER A 251 -3.41 -4.56 -21.43
N ASP A 252 -4.26 -5.58 -21.61
CA ASP A 252 -4.56 -6.57 -20.56
C ASP A 252 -3.99 -7.94 -20.95
N ASP A 253 -2.96 -7.95 -21.79
CA ASP A 253 -2.31 -9.19 -22.20
C ASP A 253 -1.23 -9.55 -21.21
N TRP A 254 -1.03 -10.85 -20.98
CA TRP A 254 0.05 -11.32 -20.11
C TRP A 254 1.39 -11.06 -20.80
N ASP A 255 2.37 -10.64 -20.00
CA ASP A 255 3.73 -10.37 -20.48
C ASP A 255 4.12 -11.28 -21.65
N THR A 256 4.34 -10.68 -22.82
CA THR A 256 4.74 -11.44 -24.01
C THR A 256 6.21 -11.20 -24.39
N SER A 257 7.01 -10.65 -23.48
CA SER A 257 8.44 -10.51 -23.71
C SER A 257 9.13 -11.88 -23.65
N GLU A 258 10.43 -11.90 -23.87
CA GLU A 258 11.20 -13.15 -23.82
C GLU A 258 11.24 -13.78 -22.41
N LYS A 259 11.03 -12.95 -21.38
CA LYS A 259 11.04 -13.44 -20.00
C LYS A 259 9.76 -14.22 -19.70
N CYS A 260 8.68 -13.85 -20.37
CA CYS A 260 7.40 -14.55 -20.27
C CYS A 260 7.02 -14.80 -18.80
N ARG A 261 7.14 -13.75 -18.00
CA ARG A 261 7.01 -13.83 -16.55
C ARG A 261 5.61 -14.32 -16.15
N ALA A 262 5.56 -15.26 -15.21
CA ALA A 262 4.30 -15.84 -14.78
C ALA A 262 3.47 -14.82 -14.02
N PRO A 263 2.13 -14.94 -14.07
CA PRO A 263 1.34 -14.02 -13.27
C PRO A 263 1.49 -14.24 -11.76
N ALA A 264 1.05 -13.24 -10.99
CA ALA A 264 1.14 -13.26 -9.53
C ALA A 264 0.31 -12.14 -8.91
N TRP A 265 -0.09 -12.34 -7.66
CA TRP A 265 -0.74 -11.29 -6.89
C TRP A 265 0.36 -10.54 -6.13
N CYS A 266 1.19 -9.83 -6.89
CA CYS A 266 2.29 -9.05 -6.30
C CYS A 266 1.79 -7.95 -5.38
N ASP A 267 0.68 -7.33 -5.76
CA ASP A 267 0.21 -6.10 -5.15
C ASP A 267 -0.95 -6.36 -4.20
N ARG A 268 -0.73 -6.08 -2.92
CA ARG A 268 -1.62 -6.53 -1.86
C ARG A 268 -1.88 -5.44 -0.82
N ILE A 269 -2.95 -5.60 -0.05
CA ILE A 269 -3.26 -4.72 1.07
C ILE A 269 -3.60 -5.55 2.31
N LEU A 270 -2.82 -5.39 3.38
CA LEU A 270 -3.04 -6.13 4.62
C LEU A 270 -3.22 -5.16 5.79
N TRP A 271 -3.82 -5.63 6.89
CA TRP A 271 -4.07 -4.75 8.04
C TRP A 271 -4.00 -5.46 9.36
N LYS A 272 -3.99 -4.65 10.43
CA LYS A 272 -3.92 -5.15 11.78
C LYS A 272 -4.36 -4.06 12.75
N GLY A 273 -5.05 -4.43 13.82
CA GLY A 273 -5.58 -3.46 14.78
C GLY A 273 -7.07 -3.61 14.97
N LYS A 274 -7.61 -2.94 15.98
CA LYS A 274 -9.03 -3.12 16.34
C LYS A 274 -9.98 -2.20 15.58
N ASN A 275 -11.23 -2.65 15.47
CA ASN A 275 -12.31 -1.91 14.82
C ASN A 275 -12.06 -1.59 13.36
N ILE A 276 -11.38 -2.49 12.65
CA ILE A 276 -11.17 -2.36 11.21
C ILE A 276 -12.09 -3.32 10.48
N THR A 277 -12.79 -2.80 9.47
CA THR A 277 -13.76 -3.57 8.71
C THR A 277 -13.59 -3.26 7.23
N GLN A 278 -13.14 -4.24 6.47
CA GLN A 278 -12.89 -4.04 5.04
C GLN A 278 -14.20 -4.15 4.28
N LEU A 279 -14.48 -3.15 3.45
CA LEU A 279 -15.72 -3.10 2.68
C LEU A 279 -15.51 -3.55 1.25
N SER A 280 -14.31 -3.34 0.72
CA SER A 280 -13.99 -3.78 -0.64
C SER A 280 -12.51 -4.09 -0.79
N TYR A 281 -12.18 -4.82 -1.85
CA TYR A 281 -10.78 -5.15 -2.16
C TYR A 281 -10.73 -5.46 -3.65
N GLN A 282 -10.28 -4.49 -4.44
CA GLN A 282 -10.43 -4.57 -5.89
C GLN A 282 -9.13 -4.26 -6.61
N SER A 283 -8.99 -4.84 -7.81
CA SER A 283 -7.99 -4.38 -8.78
C SER A 283 -8.72 -3.59 -9.84
N HIS A 284 -7.99 -2.80 -10.63
CA HIS A 284 -8.61 -1.94 -11.63
C HIS A 284 -7.99 -2.17 -13.01
N MET A 285 -8.62 -3.06 -13.78
CA MET A 285 -8.09 -3.50 -15.08
C MET A 285 -8.00 -2.38 -16.11
N ALA A 286 -8.95 -1.45 -16.05
CA ALA A 286 -9.08 -0.38 -17.04
C ALA A 286 -7.78 0.39 -17.31
N LEU A 287 -6.99 0.61 -16.26
CA LEU A 287 -5.77 1.41 -16.35
C LEU A 287 -4.58 0.60 -16.87
N LYS A 288 -4.12 0.93 -18.08
CA LYS A 288 -3.10 0.14 -18.78
C LYS A 288 -1.75 0.86 -18.92
N THR A 289 -1.48 1.85 -18.07
CA THR A 289 -0.20 2.57 -18.14
C THR A 289 1.00 1.69 -17.77
N SER A 290 0.78 0.76 -16.85
CA SER A 290 1.87 -0.04 -16.26
C SER A 290 1.71 -1.52 -16.54
N ASP A 291 2.76 -2.28 -16.27
CA ASP A 291 2.73 -3.75 -16.38
C ASP A 291 2.05 -4.37 -15.16
N HIS A 292 1.81 -3.58 -14.13
CA HIS A 292 0.92 -3.96 -13.04
C HIS A 292 -0.39 -3.22 -13.21
N LYS A 293 -1.43 -3.72 -12.56
CA LYS A 293 -2.69 -2.98 -12.39
C LYS A 293 -2.74 -2.49 -10.94
N PRO A 294 -3.44 -1.37 -10.70
CA PRO A 294 -3.56 -0.86 -9.34
C PRO A 294 -4.60 -1.60 -8.52
N VAL A 295 -4.44 -1.59 -7.20
CA VAL A 295 -5.35 -2.28 -6.30
C VAL A 295 -5.79 -1.30 -5.21
N SER A 296 -7.08 -1.36 -4.87
CA SER A 296 -7.68 -0.47 -3.90
C SER A 296 -8.38 -1.28 -2.79
N SER A 297 -8.69 -0.60 -1.69
CA SER A 297 -9.55 -1.19 -0.66
C SER A 297 -10.10 -0.10 0.24
N VAL A 298 -11.36 -0.23 0.64
CA VAL A 298 -11.98 0.74 1.52
C VAL A 298 -12.38 0.09 2.84
N PHE A 299 -11.99 0.72 3.95
CA PHE A 299 -12.31 0.24 5.29
C PHE A 299 -13.21 1.21 6.01
N ASP A 300 -14.04 0.69 6.92
CA ASP A 300 -14.67 1.49 7.97
C ASP A 300 -13.82 1.24 9.21
N ILE A 301 -13.00 2.22 9.60
CA ILE A 301 -12.19 2.09 10.81
C ILE A 301 -12.78 2.93 11.94
N GLY A 302 -13.00 2.28 13.09
CA GLY A 302 -13.53 2.95 14.27
C GLY A 302 -12.45 3.69 15.03
N VAL A 303 -12.53 5.02 15.03
CA VAL A 303 -11.56 5.88 15.70
C VAL A 303 -12.09 6.33 17.07
N ARG A 304 -11.20 6.43 18.05
CA ARG A 304 -11.56 6.92 19.38
C ARG A 304 -11.61 8.45 19.35
N VAL A 305 -12.82 9.00 19.39
CA VAL A 305 -13.02 10.45 19.35
C VAL A 305 -13.27 11.00 20.75
N VAL A 306 -12.46 11.98 21.17
CA VAL A 306 -12.74 12.73 22.41
C VAL A 306 -13.29 14.09 22.02
N ALA A 307 -14.47 14.43 22.55
CA ALA A 307 -15.21 15.63 22.12
C ALA A 307 -15.81 16.40 23.29
N HIS A 308 -16.27 17.61 23.00
CA HIS A 308 -16.93 18.46 23.98
C HIS A 308 -18.43 18.18 24.05
N HIS A 309 -19.00 18.20 25.25
CA HIS A 309 -20.45 18.07 25.41
C HIS A 309 -21.10 19.36 24.91
N HIS A 310 -22.37 19.23 24.51
CA HIS A 310 -23.22 20.40 24.34
C HIS A 310 -24.00 20.53 25.63
N HIS A 311 -24.58 21.71 25.88
CA HIS A 311 -25.30 21.92 27.13
C HIS A 311 -26.38 20.85 27.21
N HIS A 312 -26.35 20.07 28.28
CA HIS A 312 -27.22 18.91 28.43
C HIS A 312 -27.69 18.68 29.87
N HIS A 313 -28.06 19.76 30.56
CA HIS A 313 -28.51 19.68 31.95
C HIS A 313 -29.90 20.31 32.13
#